data_7LC2
#
_entry.id   7LC2
#
_cell.length_a   150.000
_cell.length_b   45.640
_cell.length_c   91.780
_cell.angle_alpha   90.000
_cell.angle_beta   119.520
_cell.angle_gamma   90.000
#
_symmetry.space_group_name_H-M   'C 1 2 1'
#
loop_
_entity.id
_entity.type
_entity.pdbx_description
1 polymer 'GTPase KRas'
2 polymer 'Target of rapamycin complex 2 subunit MAPKAP1'
3 non-polymer 'PHOSPHOAMINOPHOSPHONIC ACID-GUANYLATE ESTER'
4 non-polymer 'MAGNESIUM ION'
5 water water
#
loop_
_entity_poly.entity_id
_entity_poly.type
_entity_poly.pdbx_seq_one_letter_code
_entity_poly.pdbx_strand_id
1 'polypeptide(L)'
;G(MSE)TEYKLVVVGAGGVGKSALTIQLIQNHFVDEYDPTIEDSYRKQVVIDGETCLLDILDTAGREEYSA(MSE)RDQY
(MSE)RTGEGFLCVFAINNTKSFEDIHHYREQIKRVKDSEDVP(MSE)VLVGNKCDLPSRTVDTKQAQDLARSYGIPFIE
TSAKTRQGVDDAFYTLVREIRKHKEK
;
A,B
2 'polypeptide(L)'
;GSKESLFVRINAAHGFSLIQVDNTKVTMKEILLKAVKRRKGSQKVSGPQYRLEKQSEPNVAVDLDSTLESQSAWEFCLVR
ENSSRADG
;
D,E
#
loop_
_chem_comp.id
_chem_comp.type
_chem_comp.name
_chem_comp.formula
GNP non-polymer 'PHOSPHOAMINOPHOSPHONIC ACID-GUANYLATE ESTER' 'C10 H17 N6 O13 P3'
MG non-polymer 'MAGNESIUM ION' 'Mg 2'
#
# COMPACT_ATOMS: atom_id res chain seq x y z
N GLY A 1 -7.05 7.27 -4.93
CA GLY A 1 -5.69 6.83 -4.71
C GLY A 1 -5.55 5.87 -3.55
N MSE A 2 -5.60 6.39 -2.33
CA MSE A 2 -5.45 5.57 -1.13
C MSE A 2 -6.77 5.20 -0.49
O MSE A 2 -7.58 6.06 -0.15
CB MSE A 2 -4.59 6.27 -0.08
CG MSE A 2 -3.11 6.35 -0.37
SE MSE A 2 -2.18 7.07 1.18
CE MSE A 2 -3.21 8.72 1.38
N THR A 3 -6.98 3.90 -0.29
CA THR A 3 -8.08 3.44 0.54
C THR A 3 -7.67 3.51 2.01
N GLU A 4 -8.60 3.98 2.84
CA GLU A 4 -8.33 4.12 4.27
C GLU A 4 -8.99 2.99 5.04
N TYR A 5 -8.20 2.28 5.84
CA TYR A 5 -8.69 1.22 6.71
C TYR A 5 -8.49 1.64 8.16
N LYS A 6 -9.54 1.58 8.96
CA LYS A 6 -9.51 1.97 10.35
C LYS A 6 -9.42 0.71 11.21
N LEU A 7 -8.27 0.51 11.86
CA LEU A 7 -8.00 -0.69 12.63
C LEU A 7 -8.01 -0.38 14.12
N VAL A 8 -8.51 -1.33 14.91
CA VAL A 8 -8.56 -1.20 16.36
C VAL A 8 -7.93 -2.44 16.97
N VAL A 9 -7.02 -2.25 17.92
CA VAL A 9 -6.31 -3.34 18.59
C VAL A 9 -6.90 -3.47 19.98
N VAL A 10 -7.55 -4.61 20.24
CA VAL A 10 -8.21 -4.86 21.51
C VAL A 10 -7.59 -6.08 22.16
N GLY A 11 -7.73 -6.16 23.48
CA GLY A 11 -7.20 -7.26 24.24
C GLY A 11 -6.97 -6.89 25.68
N ALA A 12 -6.66 -7.90 26.49
CA ALA A 12 -6.42 -7.69 27.91
C ALA A 12 -5.14 -6.90 28.12
N GLY A 13 -5.01 -6.32 29.31
CA GLY A 13 -3.84 -5.52 29.60
C GLY A 13 -2.57 -6.37 29.62
N GLY A 14 -1.50 -5.81 29.07
CA GLY A 14 -0.20 -6.44 29.09
C GLY A 14 0.03 -7.49 28.02
N VAL A 15 -0.93 -7.73 27.12
CA VAL A 15 -0.74 -8.74 26.07
C VAL A 15 0.16 -8.26 24.95
N GLY A 16 0.47 -6.97 24.89
CA GLY A 16 1.35 -6.44 23.87
C GLY A 16 0.68 -5.70 22.74
N LYS A 17 -0.51 -5.14 22.96
CA LYS A 17 -1.18 -4.35 21.91
C LYS A 17 -0.34 -3.14 21.52
N SER A 18 0.20 -2.43 22.51
CA SER A 18 1.04 -1.28 22.22
C SER A 18 2.33 -1.71 21.52
N ALA A 19 2.95 -2.80 21.98
CA ALA A 19 4.21 -3.24 21.39
C ALA A 19 4.03 -3.61 19.92
N LEU A 20 2.93 -4.28 19.58
CA LEU A 20 2.66 -4.60 18.19
C LEU A 20 2.43 -3.35 17.35
N THR A 21 1.66 -2.39 17.89
CA THR A 21 1.40 -1.15 17.16
C THR A 21 2.66 -0.33 16.96
N ILE A 22 3.48 -0.20 18.01
CA ILE A 22 4.71 0.56 17.91
C ILE A 22 5.68 -0.11 16.96
N GLN A 23 5.68 -1.45 16.92
CA GLN A 23 6.58 -2.17 16.02
C GLN A 23 6.25 -1.87 14.55
N LEU A 24 4.97 -1.82 14.20
CA LEU A 24 4.59 -1.52 12.83
C LEU A 24 4.70 -0.04 12.50
N ILE A 25 4.63 0.85 13.48
CA ILE A 25 4.66 2.28 13.20
C ILE A 25 6.10 2.79 13.12
N GLN A 26 6.85 2.68 14.22
CA GLN A 26 8.19 3.25 14.30
C GLN A 26 9.30 2.21 14.40
N ASN A 27 8.97 0.94 14.21
CA ASN A 27 9.95 -0.09 13.85
C ASN A 27 10.93 -0.42 14.98
N HIS A 28 10.47 -0.45 16.23
CA HIS A 28 11.33 -0.88 17.32
C HIS A 28 10.49 -1.43 18.46
N PHE A 29 11.10 -2.28 19.28
CA PHE A 29 10.46 -2.86 20.45
C PHE A 29 10.99 -2.19 21.71
N VAL A 30 10.11 -2.01 22.69
CA VAL A 30 10.46 -1.46 23.98
C VAL A 30 9.83 -2.31 25.07
N ASP A 31 10.53 -2.47 26.18
CA ASP A 31 10.07 -3.27 27.31
C ASP A 31 9.62 -2.41 28.48
N GLU A 32 9.23 -1.16 28.22
CA GLU A 32 8.83 -0.26 29.30
C GLU A 32 7.46 -0.63 29.86
N TYR A 33 6.54 -1.04 28.99
CA TYR A 33 5.14 -1.24 29.35
C TYR A 33 4.55 0.04 29.94
N ASP A 34 4.45 1.06 29.09
CA ASP A 34 3.84 2.30 29.55
C ASP A 34 2.35 2.10 29.33
N PRO A 35 1.54 1.95 30.38
CA PRO A 35 0.15 1.52 30.17
C PRO A 35 -0.65 2.51 29.31
N THR A 36 -1.50 1.96 28.45
CA THR A 36 -2.22 2.73 27.46
C THR A 36 -3.58 3.18 27.97
N ILE A 37 -3.99 4.37 27.53
CA ILE A 37 -5.39 4.82 27.63
C ILE A 37 -6.05 4.81 26.26
N GLU A 38 -5.53 5.61 25.31
CA GLU A 38 -5.92 5.54 23.92
C GLU A 38 -4.94 6.32 23.04
N ASP A 39 -4.50 5.72 21.94
CA ASP A 39 -3.55 6.36 21.04
C ASP A 39 -3.88 6.00 19.60
N SER A 40 -3.73 6.98 18.71
CA SER A 40 -4.02 6.80 17.29
C SER A 40 -2.77 7.06 16.46
N TYR A 41 -2.56 6.21 15.45
CA TYR A 41 -1.43 6.35 14.55
C TYR A 41 -1.90 6.07 13.12
N ARG A 42 -1.37 6.85 12.18
CA ARG A 42 -1.71 6.71 10.77
C ARG A 42 -0.43 6.47 9.99
N LYS A 43 -0.37 5.34 9.27
CA LYS A 43 0.79 4.96 8.49
C LYS A 43 0.38 4.54 7.09
N GLN A 44 1.20 4.90 6.11
CA GLN A 44 0.97 4.53 4.72
C GLN A 44 1.75 3.25 4.41
N VAL A 45 1.04 2.24 3.92
CA VAL A 45 1.62 0.92 3.69
C VAL A 45 1.17 0.45 2.31
N VAL A 46 1.92 -0.48 1.72
CA VAL A 46 1.54 -1.14 0.49
C VAL A 46 1.07 -2.55 0.82
N ILE A 47 -0.16 -2.88 0.42
CA ILE A 47 -0.75 -4.20 0.64
C ILE A 47 -1.06 -4.81 -0.71
N ASP A 48 -0.43 -5.95 -1.00
CA ASP A 48 -0.62 -6.75 -2.21
C ASP A 48 -0.91 -5.91 -3.46
N GLY A 49 -0.12 -4.87 -3.66
CA GLY A 49 -0.25 -3.98 -4.79
C GLY A 49 -1.08 -2.73 -4.51
N GLU A 50 -1.94 -2.77 -3.51
CA GLU A 50 -2.81 -1.64 -3.19
C GLU A 50 -2.13 -0.73 -2.18
N THR A 51 -2.02 0.54 -2.52
CA THR A 51 -1.52 1.54 -1.58
C THR A 51 -2.66 2.02 -0.71
N CYS A 52 -2.49 1.93 0.61
CA CYS A 52 -3.56 2.25 1.53
C CYS A 52 -2.99 2.90 2.78
N LEU A 53 -3.82 3.68 3.45
CA LEU A 53 -3.48 4.35 4.69
C LEU A 53 -4.17 3.64 5.85
N LEU A 54 -3.38 3.30 6.87
CA LEU A 54 -3.88 2.54 8.01
C LEU A 54 -4.14 3.48 9.18
N ASP A 55 -5.37 3.45 9.70
CA ASP A 55 -5.75 4.22 10.88
C ASP A 55 -5.82 3.25 12.07
N ILE A 56 -4.77 3.25 12.89
CA ILE A 56 -4.62 2.30 13.98
C ILE A 56 -5.02 2.97 15.29
N LEU A 57 -5.89 2.30 16.05
CA LEU A 57 -6.30 2.77 17.36
C LEU A 57 -5.84 1.77 18.41
N ASP A 58 -5.06 2.24 19.39
CA ASP A 58 -4.54 1.42 20.46
C ASP A 58 -5.39 1.63 21.71
N THR A 59 -6.08 0.58 22.14
CA THR A 59 -7.01 0.70 23.25
C THR A 59 -6.34 0.32 24.57
N ALA A 60 -7.07 0.53 25.66
CA ALA A 60 -6.60 0.23 27.00
C ALA A 60 -7.09 -1.15 27.41
N GLY A 61 -6.15 -1.98 27.90
CA GLY A 61 -6.53 -3.29 28.40
C GLY A 61 -7.19 -3.29 29.76
N ARG A 62 -7.01 -2.22 30.52
CA ARG A 62 -7.62 -2.10 31.84
C ARG A 62 -9.09 -1.69 31.67
N GLU A 63 -10.00 -2.52 32.17
CA GLU A 63 -11.43 -2.22 32.18
C GLU A 63 -11.79 -0.92 32.90
N GLU A 64 -10.85 -0.25 33.56
CA GLU A 64 -11.17 1.05 34.12
C GLU A 64 -11.59 2.04 33.03
N TYR A 65 -11.01 1.92 31.84
CA TYR A 65 -11.35 2.76 30.70
C TYR A 65 -12.32 2.08 29.74
N SER A 66 -13.17 1.18 30.26
CA SER A 66 -14.12 0.47 29.42
C SER A 66 -15.19 1.38 28.84
N ALA A 67 -15.39 2.57 29.40
CA ALA A 67 -16.40 3.48 28.88
C ALA A 67 -16.09 3.89 27.44
N MSE A 68 -14.82 4.12 27.14
CA MSE A 68 -14.42 4.50 25.79
C MSE A 68 -14.64 3.38 24.79
O MSE A 68 -14.69 3.62 23.58
CB MSE A 68 -12.95 4.94 25.76
CG MSE A 68 -12.67 6.21 26.53
SE MSE A 68 -10.85 6.29 27.22
CE MSE A 68 -11.07 7.77 28.48
N ARG A 69 -14.76 2.14 25.28
CA ARG A 69 -14.94 1.00 24.39
C ARG A 69 -16.24 1.11 23.61
N ASP A 70 -17.33 1.52 24.27
CA ASP A 70 -18.59 1.69 23.57
C ASP A 70 -18.48 2.69 22.42
N GLN A 71 -17.48 3.57 22.46
CA GLN A 71 -17.38 4.62 21.46
C GLN A 71 -16.44 4.28 20.30
N TYR A 72 -15.34 3.57 20.53
CA TYR A 72 -14.44 3.26 19.42
C TYR A 72 -14.83 2.01 18.66
N MSE A 73 -15.55 1.07 19.27
CA MSE A 73 -15.94 -0.16 18.58
C MSE A 73 -16.98 0.15 17.50
O MSE A 73 -17.25 -0.70 16.64
CB MSE A 73 -16.51 -1.18 19.57
CG MSE A 73 -15.59 -1.51 20.74
SE MSE A 73 -16.36 -2.81 21.98
CE MSE A 73 -14.81 -3.97 22.22
N ARG A 74 -17.56 1.35 17.55
CA ARG A 74 -18.49 1.79 16.52
C ARG A 74 -17.82 2.53 15.39
N THR A 75 -16.52 2.85 15.51
CA THR A 75 -15.80 3.61 14.51
C THR A 75 -14.97 2.72 13.58
N GLY A 76 -14.23 1.76 14.13
CA GLY A 76 -13.30 0.99 13.33
C GLY A 76 -13.97 0.01 12.41
N GLU A 77 -13.23 -0.36 11.36
CA GLU A 77 -13.72 -1.33 10.39
C GLU A 77 -13.25 -2.75 10.70
N GLY A 78 -12.07 -2.90 11.28
CA GLY A 78 -11.57 -4.20 11.66
C GLY A 78 -10.97 -4.15 13.05
N PHE A 79 -10.94 -5.32 13.69
CA PHE A 79 -10.43 -5.42 15.04
C PHE A 79 -9.37 -6.51 15.12
N LEU A 80 -8.28 -6.20 15.81
CA LEU A 80 -7.15 -7.11 15.97
C LEU A 80 -7.17 -7.57 17.42
N CYS A 81 -7.72 -8.76 17.66
CA CYS A 81 -7.90 -9.27 19.02
C CYS A 81 -6.66 -10.04 19.45
N VAL A 82 -5.96 -9.48 20.43
CA VAL A 82 -4.65 -9.96 20.85
C VAL A 82 -4.78 -10.58 22.24
N PHE A 83 -4.18 -11.76 22.40
CA PHE A 83 -3.99 -12.37 23.71
C PHE A 83 -2.54 -12.79 23.82
N ALA A 84 -2.11 -13.06 25.05
CA ALA A 84 -0.76 -13.53 25.32
C ALA A 84 -0.77 -15.06 25.39
N ILE A 85 0.12 -15.70 24.63
CA ILE A 85 0.20 -17.15 24.62
C ILE A 85 0.63 -17.69 25.98
N ASN A 86 1.25 -16.86 26.81
CA ASN A 86 1.66 -17.25 28.15
C ASN A 86 0.67 -16.81 29.22
N ASN A 87 -0.47 -16.25 28.83
CA ASN A 87 -1.53 -15.85 29.76
C ASN A 87 -2.83 -16.51 29.34
N THR A 88 -3.29 -17.49 30.12
CA THR A 88 -4.50 -18.21 29.77
C THR A 88 -5.71 -17.29 29.73
N LYS A 89 -5.83 -16.38 30.70
CA LYS A 89 -7.11 -15.71 30.86
C LYS A 89 -7.28 -14.58 29.85
N SER A 90 -6.18 -14.00 29.38
CA SER A 90 -6.27 -13.07 28.26
C SER A 90 -6.81 -13.78 27.03
N PHE A 91 -6.45 -15.05 26.85
CA PHE A 91 -7.06 -15.86 25.81
C PHE A 91 -8.55 -16.04 26.07
N GLU A 92 -8.92 -16.26 27.33
CA GLU A 92 -10.34 -16.35 27.68
C GLU A 92 -11.04 -15.02 27.47
N ASP A 93 -10.36 -13.90 27.77
CA ASP A 93 -10.94 -12.58 27.58
C ASP A 93 -11.21 -12.25 26.12
N ILE A 94 -10.67 -13.03 25.18
CA ILE A 94 -10.93 -12.81 23.77
C ILE A 94 -12.41 -12.96 23.46
N HIS A 95 -13.04 -13.98 24.04
CA HIS A 95 -14.46 -14.21 23.81
C HIS A 95 -15.29 -13.02 24.26
N HIS A 96 -14.93 -12.40 25.38
CA HIS A 96 -15.65 -11.22 25.85
C HIS A 96 -15.53 -10.07 24.88
N TYR A 97 -14.32 -9.83 24.36
CA TYR A 97 -14.11 -8.72 23.44
C TYR A 97 -14.90 -8.91 22.15
N ARG A 98 -14.90 -10.14 21.60
CA ARG A 98 -15.66 -10.39 20.39
C ARG A 98 -17.14 -10.10 20.59
N GLU A 99 -17.71 -10.63 21.68
CA GLU A 99 -19.14 -10.49 21.91
C GLU A 99 -19.52 -9.02 22.09
N GLN A 100 -18.68 -8.26 22.78
CA GLN A 100 -18.94 -6.83 22.94
C GLN A 100 -18.87 -6.12 21.60
N ILE A 101 -17.91 -6.50 20.74
CA ILE A 101 -17.82 -5.92 19.40
C ILE A 101 -19.06 -6.27 18.59
N LYS A 102 -19.46 -7.54 18.62
CA LYS A 102 -20.60 -7.98 17.82
C LYS A 102 -21.88 -7.24 18.17
N ARG A 103 -22.04 -6.81 19.43
CA ARG A 103 -23.30 -6.17 19.81
C ARG A 103 -23.19 -4.66 20.04
N VAL A 104 -21.99 -4.08 19.98
CA VAL A 104 -21.88 -2.66 19.71
C VAL A 104 -22.07 -2.40 18.22
N LYS A 105 -21.33 -3.13 17.39
CA LYS A 105 -21.50 -3.05 15.95
C LYS A 105 -22.87 -3.52 15.50
N ASP A 106 -23.58 -4.27 16.35
CA ASP A 106 -24.88 -4.83 16.02
C ASP A 106 -24.82 -5.67 14.76
N SER A 107 -23.76 -6.48 14.65
CA SER A 107 -23.53 -7.31 13.48
C SER A 107 -22.65 -8.48 13.88
N GLU A 108 -23.06 -9.69 13.51
CA GLU A 108 -22.16 -10.83 13.62
C GLU A 108 -20.99 -10.68 12.65
N ASP A 109 -21.26 -10.14 11.46
CA ASP A 109 -20.25 -10.00 10.42
C ASP A 109 -19.39 -8.77 10.71
N VAL A 110 -18.30 -8.98 11.43
CA VAL A 110 -17.33 -7.93 11.71
C VAL A 110 -15.94 -8.44 11.39
N PRO A 111 -15.16 -7.72 10.58
CA PRO A 111 -13.83 -8.22 10.18
C PRO A 111 -12.88 -8.24 11.37
N MSE A 112 -12.26 -9.39 11.61
CA MSE A 112 -11.38 -9.63 12.74
C MSE A 112 -10.32 -10.71 12.54
O MSE A 112 -10.47 -11.63 11.74
CB MSE A 112 -12.21 -10.01 13.95
CG MSE A 112 -12.90 -8.88 14.70
SE MSE A 112 -14.12 -9.64 16.01
CE MSE A 112 -12.82 -10.67 17.02
N VAL A 113 -9.25 -10.60 13.33
CA VAL A 113 -8.12 -11.51 13.26
C VAL A 113 -7.66 -11.83 14.68
N LEU A 114 -7.53 -13.12 14.99
CA LEU A 114 -7.02 -13.56 16.28
C LEU A 114 -5.50 -13.49 16.28
N VAL A 115 -4.94 -12.92 17.35
CA VAL A 115 -3.49 -12.72 17.45
C VAL A 115 -3.03 -13.29 18.78
N GLY A 116 -2.14 -14.28 18.73
CA GLY A 116 -1.44 -14.75 19.90
C GLY A 116 -0.03 -14.21 19.95
N ASN A 117 0.24 -13.32 20.90
CA ASN A 117 1.48 -12.56 20.92
C ASN A 117 2.52 -13.22 21.82
N LYS A 118 3.75 -12.69 21.75
CA LYS A 118 4.89 -13.15 22.56
C LYS A 118 5.31 -14.57 22.21
N CYS A 119 5.55 -14.81 20.91
CA CYS A 119 6.01 -16.12 20.46
C CYS A 119 7.35 -16.48 21.08
N ASP A 120 8.23 -15.48 21.28
CA ASP A 120 9.59 -15.74 21.73
C ASP A 120 9.65 -16.37 23.11
N LEU A 121 8.58 -16.28 23.90
CA LEU A 121 8.61 -16.80 25.26
C LEU A 121 8.76 -18.33 25.24
N PRO A 122 9.58 -18.89 26.13
CA PRO A 122 9.81 -20.35 26.09
C PRO A 122 8.64 -21.15 26.64
N SER A 123 7.98 -20.67 27.68
CA SER A 123 6.88 -21.40 28.31
C SER A 123 5.56 -20.89 27.75
N ARG A 124 4.68 -21.80 27.37
CA ARG A 124 3.41 -21.47 26.73
C ARG A 124 2.27 -22.11 27.50
N THR A 125 1.20 -21.35 27.70
CA THR A 125 0.01 -21.83 28.41
C THR A 125 -1.12 -22.20 27.46
N VAL A 126 -1.20 -21.52 26.32
CA VAL A 126 -2.24 -21.72 25.32
C VAL A 126 -1.58 -22.34 24.10
N ASP A 127 -1.95 -23.57 23.78
CA ASP A 127 -1.40 -24.23 22.61
C ASP A 127 -2.00 -23.65 21.33
N THR A 128 -1.35 -23.94 20.21
CA THR A 128 -1.85 -23.47 18.92
C THR A 128 -3.23 -24.04 18.62
N LYS A 129 -3.47 -25.29 19.04
CA LYS A 129 -4.75 -25.93 18.78
C LYS A 129 -5.90 -25.17 19.42
N GLN A 130 -5.71 -24.69 20.65
CA GLN A 130 -6.79 -23.97 21.34
C GLN A 130 -7.18 -22.71 20.58
N ALA A 131 -6.18 -21.96 20.09
CA ALA A 131 -6.50 -20.74 19.35
C ALA A 131 -7.02 -21.06 17.95
N GLN A 132 -6.46 -22.09 17.32
CA GLN A 132 -6.91 -22.46 15.97
C GLN A 132 -8.35 -22.93 15.97
N ASP A 133 -8.70 -23.79 16.93
CA ASP A 133 -10.09 -24.27 17.04
C ASP A 133 -11.03 -23.12 17.36
N LEU A 134 -10.60 -22.20 18.24
CA LEU A 134 -11.41 -21.02 18.52
C LEU A 134 -11.57 -20.15 17.29
N ALA A 135 -10.52 -20.07 16.46
CA ALA A 135 -10.57 -19.24 15.27
C ALA A 135 -11.62 -19.73 14.28
N ARG A 136 -11.68 -21.05 14.05
CA ARG A 136 -12.71 -21.59 13.18
C ARG A 136 -14.10 -21.39 13.76
N SER A 137 -14.24 -21.53 15.08
CA SER A 137 -15.53 -21.27 15.72
C SER A 137 -16.02 -19.86 15.41
N TYR A 138 -15.11 -18.90 15.39
CA TYR A 138 -15.44 -17.53 15.01
C TYR A 138 -15.32 -17.28 13.51
N GLY A 139 -14.78 -18.23 12.76
CA GLY A 139 -14.62 -18.06 11.33
C GLY A 139 -13.64 -16.96 10.93
N ILE A 140 -12.57 -16.79 11.68
CA ILE A 140 -11.62 -15.74 11.42
C ILE A 140 -10.19 -16.34 11.44
N PRO A 141 -9.25 -15.74 10.76
CA PRO A 141 -7.88 -16.24 10.78
C PRO A 141 -7.21 -16.03 12.14
N PHE A 142 -6.29 -16.93 12.46
CA PHE A 142 -5.48 -16.83 13.67
C PHE A 142 -4.01 -16.72 13.28
N ILE A 143 -3.34 -15.69 13.79
CA ILE A 143 -1.95 -15.41 13.48
C ILE A 143 -1.15 -15.34 14.79
N GLU A 144 -0.01 -16.02 14.82
CA GLU A 144 0.89 -15.98 15.96
C GLU A 144 1.98 -14.95 15.71
N THR A 145 2.16 -14.03 16.65
CA THR A 145 3.09 -12.93 16.50
C THR A 145 4.01 -12.83 17.70
N SER A 146 5.16 -12.20 17.47
CA SER A 146 6.08 -11.83 18.55
C SER A 146 6.55 -10.41 18.28
N ALA A 147 6.04 -9.45 19.05
CA ALA A 147 6.42 -8.05 18.87
C ALA A 147 7.91 -7.82 19.08
N LYS A 148 8.57 -8.70 19.84
CA LYS A 148 9.97 -8.47 20.17
C LYS A 148 10.86 -8.86 19.00
N THR A 149 10.48 -9.88 18.25
CA THR A 149 11.23 -10.27 17.06
C THR A 149 10.54 -9.84 15.78
N ARG A 150 9.41 -9.13 15.88
CA ARG A 150 8.65 -8.60 14.74
C ARG A 150 8.01 -9.69 13.90
N GLN A 151 8.05 -10.95 14.34
CA GLN A 151 7.39 -12.03 13.63
C GLN A 151 5.88 -11.83 13.62
N GLY A 152 5.28 -11.95 12.44
CA GLY A 152 3.83 -11.94 12.31
C GLY A 152 3.17 -10.60 12.45
N VAL A 153 3.91 -9.55 12.76
CA VAL A 153 3.32 -8.24 13.03
C VAL A 153 2.63 -7.70 11.76
N ASP A 154 3.37 -7.68 10.66
CA ASP A 154 2.77 -7.22 9.40
C ASP A 154 1.69 -8.18 8.96
N ASP A 155 1.98 -9.48 9.02
CA ASP A 155 1.05 -10.54 8.65
C ASP A 155 -0.33 -10.33 9.29
N ALA A 156 -0.34 -9.99 10.58
CA ALA A 156 -1.59 -9.84 11.31
C ALA A 156 -2.36 -8.61 10.84
N PHE A 157 -1.70 -7.47 10.74
CA PHE A 157 -2.37 -6.26 10.26
C PHE A 157 -2.78 -6.42 8.80
N TYR A 158 -1.93 -7.05 7.99
CA TYR A 158 -2.25 -7.23 6.57
C TYR A 158 -3.47 -8.11 6.39
N THR A 159 -3.57 -9.19 7.16
CA THR A 159 -4.74 -10.08 7.05
C THR A 159 -6.01 -9.37 7.48
N LEU A 160 -5.92 -8.48 8.48
CA LEU A 160 -7.08 -7.72 8.90
C LEU A 160 -7.60 -6.84 7.78
N VAL A 161 -6.70 -6.19 7.03
CA VAL A 161 -7.12 -5.40 5.88
C VAL A 161 -7.77 -6.28 4.84
N ARG A 162 -7.19 -7.45 4.58
CA ARG A 162 -7.78 -8.39 3.64
C ARG A 162 -9.17 -8.81 4.08
N GLU A 163 -9.35 -9.03 5.38
CA GLU A 163 -10.67 -9.39 5.90
C GLU A 163 -11.65 -8.23 5.76
N ILE A 164 -11.18 -6.99 5.98
CA ILE A 164 -12.04 -5.82 5.81
C ILE A 164 -12.50 -5.71 4.36
N ARG A 165 -11.77 -6.32 3.44
CA ARG A 165 -12.23 -6.33 2.03
C ARG A 165 -13.35 -7.35 1.85
N LYS A 166 -14.36 -7.33 2.73
CA LYS A 166 -15.56 -8.17 2.54
C LYS A 166 -16.56 -7.29 1.81
N HIS A 167 -16.58 -7.35 0.47
CA HIS A 167 -17.46 -6.48 -0.35
C HIS A 167 -17.35 -5.04 0.14
N MSE B 2 9.48 -7.82 2.38
CA MSE B 2 9.28 -8.40 1.06
C MSE B 2 9.90 -7.45 0.01
O MSE B 2 10.09 -6.27 0.26
CB MSE B 2 7.80 -8.62 0.78
CG MSE B 2 7.50 -9.23 -0.58
SE MSE B 2 5.61 -9.24 -0.91
CE MSE B 2 5.42 -7.32 -1.28
N THR B 3 10.21 -8.00 -1.18
CA THR B 3 10.89 -7.27 -2.23
C THR B 3 9.92 -6.80 -3.31
N GLU B 4 10.12 -5.58 -3.78
CA GLU B 4 9.39 -5.01 -4.91
C GLU B 4 10.33 -4.90 -6.11
N TYR B 5 9.87 -5.38 -7.26
CA TYR B 5 10.65 -5.35 -8.49
C TYR B 5 10.01 -4.37 -9.47
N LYS B 6 10.80 -3.43 -9.97
CA LYS B 6 10.34 -2.41 -10.91
C LYS B 6 10.71 -2.83 -12.31
N LEU B 7 9.71 -3.20 -13.11
CA LEU B 7 9.94 -3.73 -14.44
C LEU B 7 9.35 -2.74 -15.45
N VAL B 8 10.14 -2.38 -16.47
CA VAL B 8 9.72 -1.42 -17.48
C VAL B 8 9.68 -2.15 -18.82
N VAL B 9 8.49 -2.27 -19.40
CA VAL B 9 8.33 -2.88 -20.71
C VAL B 9 8.60 -1.81 -21.76
N VAL B 10 9.64 -2.02 -22.56
CA VAL B 10 10.15 -1.02 -23.49
C VAL B 10 10.23 -1.64 -24.88
N GLY B 11 9.93 -0.85 -25.90
CA GLY B 11 10.01 -1.33 -27.26
C GLY B 11 9.33 -0.39 -28.22
N ALA B 12 9.41 -0.75 -29.50
CA ALA B 12 8.82 0.06 -30.56
C ALA B 12 7.30 -0.01 -30.51
N GLY B 13 6.66 0.94 -31.19
CA GLY B 13 5.22 1.02 -31.18
C GLY B 13 4.58 -0.17 -31.88
N GLY B 14 3.56 -0.75 -31.25
CA GLY B 14 2.78 -1.81 -31.83
C GLY B 14 3.38 -3.20 -31.71
N VAL B 15 4.54 -3.35 -31.06
CA VAL B 15 5.17 -4.66 -30.93
C VAL B 15 4.45 -5.56 -29.94
N GLY B 16 3.50 -5.04 -29.19
CA GLY B 16 2.76 -5.82 -28.22
C GLY B 16 3.15 -5.60 -26.77
N LYS B 17 3.73 -4.45 -26.44
CA LYS B 17 4.09 -4.17 -25.06
C LYS B 17 2.88 -4.17 -24.15
N SER B 18 1.81 -3.49 -24.57
CA SER B 18 0.60 -3.42 -23.75
C SER B 18 -0.09 -4.76 -23.66
N ALA B 19 -0.17 -5.49 -24.78
CA ALA B 19 -0.84 -6.79 -24.77
C ALA B 19 -0.10 -7.76 -23.85
N LEU B 20 1.23 -7.70 -23.83
CA LEU B 20 2.00 -8.55 -22.92
C LEU B 20 1.72 -8.19 -21.46
N THR B 21 1.60 -6.90 -21.17
CA THR B 21 1.43 -6.46 -19.79
C THR B 21 0.07 -6.90 -19.24
N ILE B 22 -1.02 -6.52 -19.91
CA ILE B 22 -2.35 -6.89 -19.44
C ILE B 22 -2.59 -8.38 -19.52
N GLN B 23 -1.74 -9.12 -20.24
CA GLN B 23 -1.77 -10.58 -20.16
C GLN B 23 -1.24 -11.05 -18.83
N LEU B 24 -0.20 -10.42 -18.31
CA LEU B 24 0.34 -10.78 -17.00
C LEU B 24 -0.58 -10.31 -15.88
N ILE B 25 -1.20 -9.15 -16.04
CA ILE B 25 -1.99 -8.53 -14.98
C ILE B 25 -3.42 -9.06 -15.00
N GLN B 26 -4.13 -8.80 -16.09
CA GLN B 26 -5.55 -9.12 -16.20
C GLN B 26 -5.81 -10.49 -16.81
N ASN B 27 -4.76 -11.21 -17.22
CA ASN B 27 -4.88 -12.59 -17.71
C ASN B 27 -5.83 -12.69 -18.90
N HIS B 28 -5.78 -11.71 -19.80
CA HIS B 28 -6.63 -11.75 -20.98
C HIS B 28 -5.98 -10.94 -22.11
N PHE B 29 -6.45 -11.22 -23.32
CA PHE B 29 -5.96 -10.55 -24.53
C PHE B 29 -7.14 -10.12 -25.39
N VAL B 30 -7.03 -8.93 -25.99
CA VAL B 30 -7.98 -8.43 -26.98
C VAL B 30 -7.19 -7.77 -28.09
N ASP B 31 -7.65 -7.96 -29.33
CA ASP B 31 -6.99 -7.42 -30.51
C ASP B 31 -7.36 -5.96 -30.75
N GLU B 32 -7.18 -5.14 -29.72
CA GLU B 32 -7.44 -3.70 -29.80
C GLU B 32 -6.14 -2.96 -29.58
N TYR B 33 -5.78 -2.09 -30.53
CA TYR B 33 -4.57 -1.30 -30.45
C TYR B 33 -4.93 0.06 -29.86
N ASP B 34 -4.70 0.22 -28.56
CA ASP B 34 -4.82 1.51 -27.91
C ASP B 34 -3.41 2.03 -27.64
N PRO B 35 -2.93 3.03 -28.37
CA PRO B 35 -1.55 3.49 -28.19
C PRO B 35 -1.31 3.96 -26.76
N THR B 36 -0.24 3.45 -26.16
CA THR B 36 0.07 3.73 -24.77
C THR B 36 0.81 5.06 -24.65
N ILE B 37 0.56 5.76 -23.53
CA ILE B 37 1.40 6.86 -23.09
C ILE B 37 2.25 6.45 -21.90
N GLU B 38 1.63 6.07 -20.79
CA GLU B 38 2.31 5.43 -19.66
C GLU B 38 1.31 4.83 -18.70
N ASP B 39 1.49 3.56 -18.35
CA ASP B 39 0.61 2.87 -17.42
C ASP B 39 1.43 1.97 -16.51
N SER B 40 1.12 1.99 -15.22
CA SER B 40 1.81 1.19 -14.22
C SER B 40 0.83 0.28 -13.50
N TYR B 41 1.25 -0.96 -13.24
CA TYR B 41 0.41 -1.95 -12.58
C TYR B 41 1.20 -2.66 -11.50
N ARG B 42 0.60 -2.81 -10.33
CA ARG B 42 1.20 -3.54 -9.22
C ARG B 42 0.48 -4.87 -9.05
N LYS B 43 1.28 -5.95 -9.02
CA LYS B 43 0.79 -7.32 -9.03
C LYS B 43 1.73 -8.17 -8.21
N GLN B 44 1.17 -9.02 -7.35
CA GLN B 44 1.93 -9.76 -6.34
C GLN B 44 2.05 -11.19 -6.83
N VAL B 45 3.27 -11.75 -6.84
CA VAL B 45 3.47 -13.11 -7.35
C VAL B 45 4.42 -13.88 -6.44
N VAL B 46 4.31 -15.20 -6.52
CA VAL B 46 5.36 -16.12 -6.05
C VAL B 46 6.05 -16.65 -7.31
N ILE B 47 7.33 -16.31 -7.47
CA ILE B 47 8.02 -16.66 -8.71
C ILE B 47 8.49 -18.11 -8.65
N ASP B 48 9.31 -18.47 -7.66
CA ASP B 48 9.63 -19.86 -7.39
C ASP B 48 9.09 -20.29 -6.04
N GLY B 49 9.56 -19.67 -4.95
CA GLY B 49 8.97 -19.83 -3.64
C GLY B 49 8.91 -18.52 -2.88
N GLU B 50 9.54 -17.49 -3.42
CA GLU B 50 9.50 -16.15 -2.83
C GLU B 50 8.35 -15.34 -3.42
N THR B 51 7.48 -14.84 -2.55
CA THR B 51 6.45 -13.92 -2.98
C THR B 51 7.07 -12.54 -3.14
N CYS B 52 6.63 -11.82 -4.17
CA CYS B 52 7.21 -10.52 -4.45
C CYS B 52 6.18 -9.66 -5.19
N LEU B 53 6.41 -8.36 -5.14
CA LEU B 53 5.52 -7.39 -5.75
C LEU B 53 6.16 -6.88 -7.04
N LEU B 54 5.44 -7.01 -8.15
CA LEU B 54 5.92 -6.55 -9.44
C LEU B 54 5.28 -5.20 -9.77
N ASP B 55 6.11 -4.19 -9.96
CA ASP B 55 5.70 -2.93 -10.57
C ASP B 55 5.97 -3.04 -12.06
N ILE B 56 4.91 -3.09 -12.86
CA ILE B 56 5.03 -3.21 -14.31
C ILE B 56 4.65 -1.88 -14.92
N LEU B 57 5.61 -1.22 -15.56
CA LEU B 57 5.40 0.09 -16.17
C LEU B 57 5.28 -0.09 -17.68
N ASP B 58 4.08 0.11 -18.20
CA ASP B 58 3.83 0.05 -19.63
C ASP B 58 4.18 1.39 -20.26
N THR B 59 5.13 1.37 -21.20
CA THR B 59 5.66 2.60 -21.78
C THR B 59 5.14 2.79 -23.20
N ALA B 60 5.44 3.95 -23.76
CA ALA B 60 4.93 4.37 -25.05
C ALA B 60 5.96 4.08 -26.14
N GLY B 61 5.51 3.41 -27.20
CA GLY B 61 6.37 3.19 -28.36
C GLY B 61 6.44 4.37 -29.31
N ARG B 62 5.44 5.24 -29.30
CA ARG B 62 5.43 6.41 -30.16
C ARG B 62 6.52 7.38 -29.76
N GLU B 63 7.09 8.07 -30.75
CA GLU B 63 8.26 8.91 -30.52
C GLU B 63 7.93 10.29 -29.99
N GLU B 64 6.67 10.74 -30.07
CA GLU B 64 6.35 12.06 -29.54
C GLU B 64 6.27 12.06 -28.02
N TYR B 65 6.14 10.89 -27.39
CA TYR B 65 6.16 10.77 -25.94
C TYR B 65 7.52 10.30 -25.42
N SER B 66 8.58 10.49 -26.21
CA SER B 66 9.91 10.04 -25.84
C SER B 66 10.57 10.91 -24.77
N ALA B 67 9.96 12.03 -24.40
CA ALA B 67 10.54 12.88 -23.36
C ALA B 67 10.36 12.29 -21.97
N MSE B 68 9.43 11.36 -21.79
CA MSE B 68 9.20 10.72 -20.51
C MSE B 68 10.21 9.59 -20.29
O MSE B 68 10.28 9.02 -19.20
CB MSE B 68 7.79 10.17 -20.40
CG MSE B 68 6.71 11.17 -20.77
SE MSE B 68 4.92 10.43 -20.53
CE MSE B 68 3.90 11.96 -21.16
N ARG B 69 10.99 9.29 -21.33
CA ARG B 69 11.91 8.16 -21.27
C ARG B 69 12.94 8.35 -20.17
N ASP B 70 13.52 9.54 -20.06
CA ASP B 70 14.55 9.79 -19.06
C ASP B 70 14.02 9.53 -17.66
N GLN B 71 12.75 9.84 -17.41
CA GLN B 71 12.22 9.70 -16.06
C GLN B 71 12.03 8.23 -15.66
N TYR B 72 11.41 7.42 -16.53
CA TYR B 72 11.14 6.05 -16.12
C TYR B 72 12.37 5.17 -16.17
N MSE B 73 13.35 5.49 -17.02
CA MSE B 73 14.56 4.69 -17.09
C MSE B 73 15.41 4.84 -15.83
O MSE B 73 16.14 3.91 -15.46
CB MSE B 73 15.38 5.06 -18.33
CG MSE B 73 14.64 4.83 -19.64
SE MSE B 73 15.74 4.96 -21.24
CE MSE B 73 14.43 4.38 -22.56
N ARG B 74 15.33 6.00 -15.17
CA ARG B 74 16.04 6.18 -13.91
C ARG B 74 15.40 5.36 -12.80
N THR B 75 14.08 5.42 -12.69
CA THR B 75 13.38 4.70 -11.63
C THR B 75 13.39 3.19 -11.87
N GLY B 76 13.49 2.76 -13.12
CA GLY B 76 13.39 1.35 -13.42
C GLY B 76 14.58 0.55 -12.91
N GLU B 77 14.33 -0.73 -12.64
CA GLU B 77 15.37 -1.66 -12.23
C GLU B 77 15.56 -2.81 -13.22
N GLY B 78 14.54 -3.17 -13.97
CA GLY B 78 14.67 -4.16 -15.03
C GLY B 78 13.85 -3.74 -16.23
N PHE B 79 14.29 -4.20 -17.39
CA PHE B 79 13.69 -3.75 -18.65
C PHE B 79 13.46 -4.93 -19.58
N LEU B 80 12.21 -5.16 -19.96
CA LEU B 80 11.87 -6.03 -21.08
C LEU B 80 11.91 -5.21 -22.36
N CYS B 81 12.72 -5.64 -23.32
CA CYS B 81 12.78 -5.03 -24.65
C CYS B 81 12.05 -5.95 -25.63
N VAL B 82 10.93 -5.47 -26.15
CA VAL B 82 10.00 -6.28 -26.92
C VAL B 82 10.01 -5.81 -28.36
N PHE B 83 10.08 -6.75 -29.30
CA PHE B 83 9.98 -6.47 -30.72
C PHE B 83 9.05 -7.49 -31.36
N ALA B 84 8.48 -7.10 -32.50
CA ALA B 84 7.61 -7.97 -33.27
C ALA B 84 8.43 -8.75 -34.29
N ILE B 85 8.27 -10.07 -34.32
CA ILE B 85 9.05 -10.89 -35.24
C ILE B 85 8.70 -10.58 -36.68
N ASN B 86 7.47 -10.11 -36.95
CA ASN B 86 7.09 -9.71 -38.29
C ASN B 86 7.49 -8.29 -38.63
N ASN B 87 8.40 -7.69 -37.85
CA ASN B 87 8.80 -6.30 -38.01
C ASN B 87 10.30 -6.20 -37.72
N THR B 88 11.11 -6.10 -38.78
CA THR B 88 12.54 -5.95 -38.58
C THR B 88 12.89 -4.56 -38.09
N LYS B 89 12.09 -3.54 -38.43
CA LYS B 89 12.34 -2.20 -37.92
C LYS B 89 12.26 -2.18 -36.40
N SER B 90 11.29 -2.90 -35.83
CA SER B 90 11.23 -3.05 -34.38
C SER B 90 12.46 -3.75 -33.84
N PHE B 91 12.92 -4.80 -34.55
CA PHE B 91 14.14 -5.48 -34.14
C PHE B 91 15.36 -4.58 -34.31
N GLU B 92 15.35 -3.70 -35.31
CA GLU B 92 16.46 -2.76 -35.51
C GLU B 92 16.44 -1.61 -34.52
N ASP B 93 15.35 -1.42 -33.78
CA ASP B 93 15.27 -0.37 -32.76
C ASP B 93 15.69 -0.85 -31.39
N ILE B 94 16.13 -2.10 -31.24
CA ILE B 94 16.52 -2.62 -29.94
C ILE B 94 17.76 -1.89 -29.42
N HIS B 95 18.76 -1.70 -30.28
CA HIS B 95 19.96 -1.00 -29.87
C HIS B 95 19.66 0.47 -29.59
N HIS B 96 18.68 1.05 -30.27
CA HIS B 96 18.22 2.40 -29.94
C HIS B 96 17.80 2.48 -28.49
N TYR B 97 17.02 1.50 -28.03
CA TYR B 97 16.51 1.52 -26.66
C TYR B 97 17.55 1.09 -25.65
N ARG B 98 18.34 0.05 -25.96
CA ARG B 98 19.34 -0.39 -25.00
C ARG B 98 20.32 0.72 -24.67
N GLU B 99 20.67 1.55 -25.67
CA GLU B 99 21.74 2.53 -25.47
C GLU B 99 21.29 3.62 -24.52
N GLN B 100 20.01 3.97 -24.63
CA GLN B 100 19.48 5.05 -23.81
C GLN B 100 19.37 4.60 -22.33
N ILE B 101 18.99 3.33 -22.11
CA ILE B 101 18.94 2.76 -20.76
C ILE B 101 20.33 2.77 -20.12
N LYS B 102 21.35 2.38 -20.87
CA LYS B 102 22.72 2.46 -20.39
C LYS B 102 23.21 3.90 -20.21
N ARG B 103 22.52 4.89 -20.78
CA ARG B 103 22.95 6.28 -20.60
C ARG B 103 22.27 6.95 -19.41
N VAL B 104 20.98 6.68 -19.21
CA VAL B 104 20.32 7.11 -17.98
C VAL B 104 20.96 6.45 -16.78
N LYS B 105 21.14 5.12 -16.84
CA LYS B 105 21.74 4.40 -15.74
C LYS B 105 23.22 4.71 -15.58
N ASP B 106 23.88 5.20 -16.63
CA ASP B 106 25.32 5.44 -16.64
C ASP B 106 26.08 4.20 -16.18
N SER B 107 25.70 3.06 -16.77
CA SER B 107 26.32 1.78 -16.45
C SER B 107 26.24 0.88 -17.67
N GLU B 108 27.19 -0.04 -17.76
CA GLU B 108 27.23 -0.98 -18.88
C GLU B 108 26.36 -2.21 -18.64
N ASP B 109 26.25 -2.66 -17.39
CA ASP B 109 25.48 -3.86 -17.04
C ASP B 109 24.23 -3.45 -16.28
N VAL B 110 23.09 -3.53 -16.95
CA VAL B 110 21.79 -3.31 -16.31
C VAL B 110 20.94 -4.54 -16.59
N PRO B 111 20.13 -4.99 -15.64
CA PRO B 111 19.34 -6.22 -15.86
C PRO B 111 18.35 -6.04 -17.00
N MSE B 112 18.45 -6.93 -18.00
CA MSE B 112 17.59 -6.87 -19.16
C MSE B 112 17.25 -8.23 -19.76
O MSE B 112 17.96 -9.21 -19.52
CB MSE B 112 18.22 -6.05 -20.27
CG MSE B 112 18.34 -4.57 -20.04
SE MSE B 112 19.32 -3.86 -21.56
CE MSE B 112 18.01 -4.16 -22.97
N VAL B 113 16.20 -8.26 -20.56
CA VAL B 113 15.76 -9.44 -21.30
C VAL B 113 15.25 -8.99 -22.66
N LEU B 114 15.76 -9.60 -23.73
CA LEU B 114 15.26 -9.34 -25.08
C LEU B 114 14.06 -10.25 -25.33
N VAL B 115 12.98 -9.66 -25.86
CA VAL B 115 11.69 -10.32 -25.93
C VAL B 115 11.22 -10.29 -27.38
N GLY B 116 11.12 -11.46 -28.00
CA GLY B 116 10.59 -11.57 -29.35
C GLY B 116 9.12 -11.93 -29.33
N ASN B 117 8.26 -10.99 -29.70
CA ASN B 117 6.82 -11.13 -29.52
C ASN B 117 6.14 -11.61 -30.80
N LYS B 118 4.89 -12.04 -30.63
CA LYS B 118 4.00 -12.41 -31.74
C LYS B 118 4.48 -13.68 -32.44
N CYS B 119 5.00 -14.64 -31.68
CA CYS B 119 5.42 -15.91 -32.26
C CYS B 119 4.25 -16.69 -32.82
N ASP B 120 3.02 -16.31 -32.47
CA ASP B 120 1.83 -16.94 -33.05
C ASP B 120 1.77 -16.68 -34.56
N LEU B 121 2.18 -15.50 -35.00
CA LEU B 121 1.98 -15.10 -36.39
C LEU B 121 2.78 -15.98 -37.33
N PRO B 122 2.21 -16.37 -38.48
CA PRO B 122 2.95 -17.22 -39.42
C PRO B 122 4.05 -16.49 -40.16
N SER B 123 3.78 -15.26 -40.60
CA SER B 123 4.76 -14.49 -41.37
C SER B 123 5.83 -13.96 -40.42
N ARG B 124 7.04 -14.49 -40.54
CA ARG B 124 8.16 -14.14 -39.67
C ARG B 124 9.24 -13.44 -40.48
N THR B 125 9.69 -12.28 -39.98
CA THR B 125 10.75 -11.53 -40.62
C THR B 125 12.05 -11.50 -39.83
N VAL B 126 12.04 -11.90 -38.56
CA VAL B 126 13.23 -11.95 -37.73
C VAL B 126 13.44 -13.40 -37.32
N ASP B 127 14.58 -13.97 -37.71
CA ASP B 127 14.89 -15.35 -37.36
C ASP B 127 15.17 -15.48 -35.87
N THR B 128 14.91 -16.67 -35.33
CA THR B 128 15.21 -16.92 -33.92
C THR B 128 16.70 -16.77 -33.65
N LYS B 129 17.53 -17.36 -34.50
CA LYS B 129 18.98 -17.30 -34.30
C LYS B 129 19.50 -15.87 -34.36
N GLN B 130 18.88 -15.02 -35.17
CA GLN B 130 19.28 -13.62 -35.23
C GLN B 130 19.07 -12.93 -33.88
N ALA B 131 17.98 -13.26 -33.20
CA ALA B 131 17.70 -12.65 -31.90
C ALA B 131 18.57 -13.24 -30.80
N GLN B 132 18.84 -14.54 -30.85
CA GLN B 132 19.70 -15.16 -29.85
C GLN B 132 21.10 -14.55 -29.88
N ASP B 133 21.67 -14.41 -31.08
CA ASP B 133 23.03 -13.90 -31.19
C ASP B 133 23.13 -12.44 -30.76
N LEU B 134 22.13 -11.62 -31.09
CA LEU B 134 22.12 -10.25 -30.59
C LEU B 134 22.02 -10.23 -29.07
N ALA B 135 21.17 -11.09 -28.50
CA ALA B 135 21.10 -11.21 -27.06
C ALA B 135 22.39 -11.78 -26.48
N ARG B 136 23.01 -12.73 -27.18
CA ARG B 136 24.30 -13.25 -26.73
C ARG B 136 25.37 -12.17 -26.75
N SER B 137 25.34 -11.30 -27.77
CA SER B 137 26.27 -10.17 -27.81
C SER B 137 25.97 -9.19 -26.68
N TYR B 138 24.70 -8.92 -26.43
CA TYR B 138 24.31 -8.04 -25.33
C TYR B 138 24.52 -8.68 -23.96
N GLY B 139 24.76 -9.99 -23.91
CA GLY B 139 24.86 -10.69 -22.64
C GLY B 139 23.55 -10.72 -21.87
N ILE B 140 22.43 -10.83 -22.57
CA ILE B 140 21.11 -10.82 -21.94
C ILE B 140 20.32 -12.03 -22.43
N PRO B 141 19.35 -12.52 -21.66
CA PRO B 141 18.53 -13.63 -22.14
C PRO B 141 17.63 -13.22 -23.29
N PHE B 142 17.25 -14.19 -24.11
CA PHE B 142 16.26 -14.00 -25.15
C PHE B 142 15.10 -14.98 -24.95
N ILE B 143 13.89 -14.47 -25.12
CA ILE B 143 12.67 -15.24 -24.95
C ILE B 143 11.69 -14.91 -26.07
N GLU B 144 11.05 -15.94 -26.61
CA GLU B 144 9.99 -15.72 -27.59
C GLU B 144 8.62 -15.92 -26.96
N THR B 145 7.65 -15.19 -27.49
CA THR B 145 6.40 -14.95 -26.79
C THR B 145 5.30 -14.58 -27.76
N SER B 146 4.06 -14.77 -27.29
CA SER B 146 2.88 -14.38 -28.04
C SER B 146 1.80 -14.02 -27.02
N ALA B 147 1.43 -12.74 -26.97
CA ALA B 147 0.39 -12.31 -26.05
C ALA B 147 -0.97 -12.88 -26.43
N LYS B 148 -1.19 -13.22 -27.70
CA LYS B 148 -2.47 -13.78 -28.12
C LYS B 148 -2.66 -15.19 -27.58
N THR B 149 -1.56 -15.97 -27.52
CA THR B 149 -1.65 -17.38 -27.07
C THR B 149 -1.03 -17.56 -25.68
N ARG B 150 -0.65 -16.48 -25.00
CA ARG B 150 -0.14 -16.55 -23.61
C ARG B 150 1.08 -17.47 -23.52
N GLN B 151 1.95 -17.44 -24.51
CA GLN B 151 3.19 -18.25 -24.44
C GLN B 151 4.34 -17.33 -24.07
N GLY B 152 4.97 -17.57 -22.92
CA GLY B 152 6.16 -16.78 -22.54
C GLY B 152 5.87 -15.54 -21.71
N VAL B 153 4.61 -15.12 -21.53
CA VAL B 153 4.37 -13.87 -20.83
C VAL B 153 4.95 -13.95 -19.41
N ASP B 154 4.34 -14.81 -18.60
CA ASP B 154 4.99 -15.36 -17.42
C ASP B 154 6.49 -15.58 -17.60
N ASP B 155 6.88 -16.36 -18.61
CA ASP B 155 8.27 -16.78 -18.70
C ASP B 155 9.23 -15.59 -18.82
N ALA B 156 8.82 -14.55 -19.54
CA ALA B 156 9.71 -13.41 -19.75
C ALA B 156 9.87 -12.58 -18.49
N PHE B 157 8.77 -12.28 -17.81
CA PHE B 157 8.84 -11.42 -16.62
C PHE B 157 9.64 -12.08 -15.52
N TYR B 158 9.43 -13.38 -15.27
CA TYR B 158 10.17 -14.06 -14.22
C TYR B 158 11.65 -14.15 -14.55
N THR B 159 12.00 -14.28 -15.83
CA THR B 159 13.41 -14.31 -16.20
C THR B 159 14.10 -12.99 -15.89
N LEU B 160 13.42 -11.87 -16.13
CA LEU B 160 14.00 -10.58 -15.79
C LEU B 160 14.19 -10.42 -14.28
N VAL B 161 13.20 -10.86 -13.49
CA VAL B 161 13.33 -10.80 -12.03
C VAL B 161 14.52 -11.63 -11.58
N ARG B 162 14.68 -12.82 -12.15
CA ARG B 162 15.87 -13.62 -11.88
C ARG B 162 17.13 -12.90 -12.31
N GLU B 163 17.05 -12.08 -13.36
CA GLU B 163 18.21 -11.31 -13.78
C GLU B 163 18.53 -10.18 -12.80
N ILE B 164 17.50 -9.54 -12.24
CA ILE B 164 17.73 -8.46 -11.29
C ILE B 164 18.31 -8.98 -9.98
N ARG B 165 18.19 -10.30 -9.73
CA ARG B 165 18.84 -10.89 -8.57
C ARG B 165 20.34 -10.60 -8.57
N LYS B 166 20.98 -10.78 -9.71
CA LYS B 166 22.38 -10.39 -9.88
C LYS B 166 22.42 -8.93 -10.31
N HIS B 167 23.13 -8.10 -9.54
CA HIS B 167 23.15 -6.65 -9.73
C HIS B 167 23.41 -6.23 -11.17
N SER C 5 -2.04 15.19 -27.70
CA SER C 5 -0.77 15.04 -27.00
C SER C 5 -0.92 15.38 -25.52
N LEU C 6 -2.14 15.74 -25.12
CA LEU C 6 -2.46 16.08 -23.75
C LEU C 6 -3.32 14.98 -23.14
N PHE C 7 -3.22 14.83 -21.81
CA PHE C 7 -3.76 13.66 -21.14
C PHE C 7 -4.12 14.00 -19.71
N VAL C 8 -4.93 13.14 -19.10
CA VAL C 8 -5.24 13.22 -17.69
C VAL C 8 -4.63 12.01 -16.99
N ARG C 9 -4.26 12.20 -15.73
CA ARG C 9 -3.66 11.15 -14.91
C ARG C 9 -4.72 10.56 -14.00
N ILE C 10 -5.01 9.29 -14.18
CA ILE C 10 -5.98 8.58 -13.35
C ILE C 10 -5.20 7.71 -12.37
N ASN C 11 -5.27 8.06 -11.09
CA ASN C 11 -4.60 7.30 -10.05
C ASN C 11 -5.56 6.26 -9.48
N ALA C 12 -5.10 5.01 -9.43
CA ALA C 12 -5.86 3.90 -8.91
C ALA C 12 -5.10 3.27 -7.74
N ALA C 13 -5.69 2.21 -7.17
CA ALA C 13 -5.07 1.55 -6.04
C ALA C 13 -3.80 0.81 -6.43
N HIS C 14 -3.78 0.24 -7.65
CA HIS C 14 -2.67 -0.61 -8.09
C HIS C 14 -1.79 0.07 -9.14
N GLY C 15 -2.00 1.36 -9.40
CA GLY C 15 -1.17 2.07 -10.35
C GLY C 15 -1.87 3.31 -10.86
N PHE C 16 -1.34 3.85 -11.95
CA PHE C 16 -1.89 5.02 -12.58
C PHE C 16 -2.01 4.79 -14.08
N SER C 17 -2.79 5.66 -14.73
CA SER C 17 -3.01 5.58 -16.17
C SER C 17 -3.12 6.98 -16.75
N LEU C 18 -2.31 7.26 -17.76
CA LEU C 18 -2.40 8.51 -18.51
C LEU C 18 -3.31 8.26 -19.70
N ILE C 19 -4.46 8.93 -19.72
CA ILE C 19 -5.46 8.76 -20.78
C ILE C 19 -5.41 9.98 -21.68
N GLN C 20 -5.01 9.77 -22.94
CA GLN C 20 -5.06 10.83 -23.93
C GLN C 20 -6.49 11.28 -24.13
N VAL C 21 -6.69 12.60 -24.14
CA VAL C 21 -8.00 13.18 -24.44
C VAL C 21 -7.83 14.05 -25.67
N ASP C 22 -8.72 13.87 -26.65
CA ASP C 22 -8.57 14.56 -27.93
C ASP C 22 -9.15 15.97 -27.89
N ASN C 23 -10.39 16.11 -27.41
CA ASN C 23 -11.02 17.40 -27.24
C ASN C 23 -11.15 17.70 -25.76
N THR C 24 -10.87 18.94 -25.37
CA THR C 24 -10.86 19.31 -23.97
C THR C 24 -12.27 19.32 -23.38
N LYS C 25 -13.30 19.24 -24.23
CA LYS C 25 -14.69 19.24 -23.81
C LYS C 25 -15.24 17.84 -23.55
N VAL C 26 -14.38 16.83 -23.52
CA VAL C 26 -14.81 15.50 -23.11
C VAL C 26 -15.42 15.53 -21.71
N THR C 27 -16.55 14.85 -21.56
CA THR C 27 -17.19 14.71 -20.26
C THR C 27 -16.39 13.78 -19.37
N MET C 28 -16.44 14.03 -18.07
CA MET C 28 -15.77 13.15 -17.12
C MET C 28 -16.40 11.75 -17.11
N LYS C 29 -17.65 11.62 -17.54
CA LYS C 29 -18.25 10.30 -17.69
C LYS C 29 -17.49 9.47 -18.71
N GLU C 30 -17.09 10.08 -19.83
CA GLU C 30 -16.26 9.39 -20.81
C GLU C 30 -14.88 9.07 -20.23
N ILE C 31 -14.27 10.02 -19.51
CA ILE C 31 -12.96 9.79 -18.93
C ILE C 31 -13.02 8.68 -17.88
N LEU C 32 -14.08 8.69 -17.07
CA LEU C 32 -14.28 7.58 -16.12
C LEU C 32 -14.34 6.25 -16.86
N LEU C 33 -15.25 6.13 -17.83
CA LEU C 33 -15.45 4.86 -18.51
C LEU C 33 -14.17 4.35 -19.15
N LYS C 34 -13.39 5.24 -19.76
CA LYS C 34 -12.11 4.83 -20.35
C LYS C 34 -11.18 4.27 -19.29
N ALA C 35 -11.10 4.92 -18.13
CA ALA C 35 -10.21 4.46 -17.07
C ALA C 35 -10.66 3.12 -16.50
N VAL C 36 -11.97 2.92 -16.33
CA VAL C 36 -12.45 1.75 -15.60
C VAL C 36 -12.08 0.47 -16.34
N LYS C 37 -12.23 0.45 -17.67
CA LYS C 37 -11.86 -0.75 -18.42
C LYS C 37 -10.34 -0.91 -18.49
N ARG C 38 -9.60 0.20 -18.55
CA ARG C 38 -8.15 0.09 -18.65
C ARG C 38 -7.56 -0.64 -17.46
N ARG C 39 -8.23 -0.58 -16.32
CA ARG C 39 -7.71 -1.19 -15.09
C ARG C 39 -8.31 -2.56 -14.80
N LYS C 40 -9.65 -2.68 -14.81
CA LYS C 40 -10.36 -3.94 -14.55
C LYS C 40 -10.81 -4.68 -15.81
N GLY C 41 -10.57 -4.13 -16.99
CA GLY C 41 -10.67 -4.89 -18.22
C GLY C 41 -12.05 -5.06 -18.83
N SER C 42 -13.09 -4.48 -18.23
CA SER C 42 -14.44 -4.65 -18.75
C SER C 42 -15.29 -3.45 -18.37
N GLN C 43 -16.49 -3.40 -18.96
CA GLN C 43 -17.46 -2.32 -18.78
C GLN C 43 -16.82 -0.93 -18.66
N GLN C 49 -19.29 -0.38 -9.29
CA GLN C 49 -19.60 1.03 -9.06
C GLN C 49 -18.34 1.83 -8.76
N TYR C 50 -17.91 2.63 -9.73
CA TYR C 50 -16.69 3.44 -9.61
C TYR C 50 -17.02 4.91 -9.83
N ARG C 51 -16.33 5.77 -9.10
CA ARG C 51 -16.49 7.21 -9.25
C ARG C 51 -15.12 7.86 -9.26
N LEU C 52 -15.04 9.04 -9.87
CA LEU C 52 -13.81 9.80 -9.96
C LEU C 52 -13.78 10.88 -8.89
N GLU C 53 -12.61 11.09 -8.31
CA GLU C 53 -12.37 12.16 -7.36
C GLU C 53 -11.08 12.89 -7.72
N LYS C 54 -11.05 14.20 -7.47
CA LYS C 54 -9.80 14.93 -7.58
C LYS C 54 -8.82 14.43 -6.52
N GLN C 55 -7.55 14.32 -6.90
CA GLN C 55 -6.52 13.92 -5.94
C GLN C 55 -6.46 14.87 -4.76
N SER C 56 -6.76 16.15 -4.98
CA SER C 56 -6.68 17.14 -3.90
C SER C 56 -7.88 17.05 -2.96
N GLU C 57 -9.06 16.74 -3.49
CA GLU C 57 -10.28 16.75 -2.70
C GLU C 57 -10.51 15.41 -2.03
N PRO C 58 -10.66 15.37 -0.69
CA PRO C 58 -10.59 14.09 0.05
C PRO C 58 -11.62 13.04 -0.33
N ASN C 59 -12.90 13.35 -0.14
CA ASN C 59 -13.96 12.35 -0.25
C ASN C 59 -15.16 12.91 -0.98
N VAL C 60 -14.90 13.74 -2.00
CA VAL C 60 -15.94 14.33 -2.82
C VAL C 60 -15.66 14.01 -4.28
N ALA C 61 -16.66 13.45 -4.96
CA ALA C 61 -16.50 12.99 -6.33
C ALA C 61 -16.66 14.14 -7.31
N VAL C 62 -16.08 13.95 -8.50
CA VAL C 62 -16.16 14.96 -9.56
C VAL C 62 -17.53 14.89 -10.21
N ASP C 63 -17.86 15.90 -11.00
CA ASP C 63 -19.13 15.95 -11.72
C ASP C 63 -18.98 15.19 -13.03
N LEU C 64 -19.58 14.00 -13.09
CA LEU C 64 -19.30 13.08 -14.20
C LEU C 64 -19.81 13.60 -15.53
N ASP C 65 -21.05 14.08 -15.57
CA ASP C 65 -21.60 14.62 -16.80
C ASP C 65 -21.07 16.02 -17.12
N SER C 66 -20.07 16.49 -16.37
CA SER C 66 -19.47 17.79 -16.61
C SER C 66 -18.24 17.69 -17.51
N THR C 67 -17.83 18.83 -18.04
CA THR C 67 -16.70 18.93 -18.95
C THR C 67 -15.35 19.03 -18.22
N LEU C 68 -14.34 18.36 -18.78
CA LEU C 68 -12.99 18.37 -18.21
C LEU C 68 -12.37 19.76 -18.28
N GLU C 69 -12.58 20.47 -19.42
CA GLU C 69 -12.25 21.89 -19.55
C GLU C 69 -12.77 22.70 -18.39
N SER C 70 -13.88 22.29 -17.79
CA SER C 70 -14.33 23.05 -16.62
C SER C 70 -13.62 22.65 -15.33
N GLN C 71 -12.91 21.52 -15.34
CA GLN C 71 -12.23 21.06 -14.14
C GLN C 71 -10.99 21.90 -13.88
N SER C 72 -10.70 22.13 -12.60
CA SER C 72 -9.47 22.79 -12.18
C SER C 72 -8.34 21.80 -11.94
N ALA C 73 -8.40 20.64 -12.57
CA ALA C 73 -7.44 19.57 -12.31
C ALA C 73 -7.30 18.70 -13.56
N TRP C 74 -6.14 18.04 -13.65
CA TRP C 74 -5.89 17.06 -14.70
C TRP C 74 -5.49 15.71 -14.10
N GLU C 75 -5.71 15.52 -12.80
CA GLU C 75 -5.32 14.31 -12.10
C GLU C 75 -6.45 13.90 -11.18
N PHE C 76 -6.94 12.68 -11.34
CA PHE C 76 -8.12 12.21 -10.62
C PHE C 76 -7.86 10.85 -9.99
N CYS C 77 -8.77 10.46 -9.10
CA CYS C 77 -8.74 9.18 -8.42
C CYS C 77 -9.83 8.26 -8.99
N LEU C 78 -9.52 6.98 -9.10
CA LEU C 78 -10.51 5.95 -9.38
C LEU C 78 -10.76 5.17 -8.09
N VAL C 79 -11.98 5.24 -7.59
CA VAL C 79 -12.37 4.54 -6.38
C VAL C 79 -13.62 3.72 -6.66
N ARG C 80 -13.67 2.52 -6.06
CA ARG C 80 -14.91 1.75 -5.96
C ARG C 80 -15.79 2.36 -4.88
N GLU C 81 -17.11 2.19 -5.03
CA GLU C 81 -18.08 2.96 -4.27
C GLU C 81 -18.03 2.70 -2.76
N ASN C 82 -17.44 1.58 -2.33
CA ASN C 82 -17.46 1.22 -0.92
C ASN C 82 -16.31 1.81 -0.11
N SER C 83 -15.30 2.38 -0.76
CA SER C 83 -14.06 2.73 -0.09
C SER C 83 -14.08 4.18 0.41
N SER C 84 -13.07 4.51 1.22
CA SER C 84 -12.85 5.86 1.73
C SER C 84 -11.39 6.21 1.54
N ARG C 85 -11.05 7.46 1.85
CA ARG C 85 -9.69 7.95 1.68
C ARG C 85 -9.18 8.65 2.94
N SER D 5 -7.03 8.55 35.20
CA SER D 5 -8.11 9.41 35.63
C SER D 5 -7.86 10.86 35.24
N LEU D 6 -6.58 11.23 35.17
CA LEU D 6 -6.15 12.57 34.78
C LEU D 6 -5.24 12.42 33.55
N PHE D 7 -5.76 12.75 32.37
CA PHE D 7 -5.01 12.65 31.15
C PHE D 7 -5.20 13.90 30.30
N VAL D 8 -4.21 14.18 29.46
CA VAL D 8 -4.28 15.24 28.47
C VAL D 8 -4.31 14.60 27.09
N ARG D 9 -4.90 15.31 26.13
CA ARG D 9 -4.94 14.86 24.75
C ARG D 9 -3.96 15.69 23.93
N ILE D 10 -3.07 15.00 23.22
CA ILE D 10 -2.09 15.65 22.36
C ILE D 10 -2.47 15.31 20.92
N ASN D 11 -2.86 16.32 20.17
CA ASN D 11 -3.19 16.16 18.75
C ASN D 11 -1.93 16.35 17.91
N ALA D 12 -1.61 15.35 17.10
CA ALA D 12 -0.44 15.37 16.24
C ALA D 12 -0.86 15.31 14.78
N ALA D 13 0.14 15.34 13.89
CA ALA D 13 -0.15 15.30 12.46
C ALA D 13 -0.77 13.99 12.04
N HIS D 14 -0.33 12.88 12.63
CA HIS D 14 -0.74 11.54 12.22
C HIS D 14 -1.39 10.78 13.37
N GLY D 15 -2.25 11.44 14.13
CA GLY D 15 -3.00 10.81 15.20
C GLY D 15 -2.97 11.65 16.46
N PHE D 16 -3.45 11.05 17.55
CA PHE D 16 -3.51 11.70 18.85
C PHE D 16 -3.09 10.72 19.92
N SER D 17 -2.68 11.26 21.07
CA SER D 17 -2.29 10.46 22.23
C SER D 17 -2.94 11.01 23.48
N LEU D 18 -3.50 10.11 24.29
CA LEU D 18 -4.00 10.46 25.61
C LEU D 18 -2.88 10.19 26.61
N ILE D 19 -2.39 11.24 27.25
CA ILE D 19 -1.25 11.16 28.15
C ILE D 19 -1.71 11.38 29.58
N GLN D 20 -1.57 10.34 30.41
CA GLN D 20 -1.98 10.40 31.79
C GLN D 20 -1.00 11.23 32.61
N VAL D 21 -1.52 12.11 33.44
CA VAL D 21 -0.72 12.91 34.37
C VAL D 21 -1.06 12.46 35.78
N ASP D 22 -0.04 12.14 36.57
CA ASP D 22 -0.26 11.68 37.94
C ASP D 22 -0.84 12.79 38.79
N ASN D 23 -0.28 13.98 38.71
CA ASN D 23 -0.74 15.11 39.50
C ASN D 23 -0.97 16.27 38.54
N THR D 24 -1.80 17.23 38.94
CA THR D 24 -2.16 18.30 38.03
C THR D 24 -1.10 19.40 37.95
N LYS D 25 -0.11 19.38 38.82
CA LYS D 25 0.97 20.38 38.80
C LYS D 25 2.22 19.84 38.10
N VAL D 26 2.05 19.47 36.83
CA VAL D 26 3.16 19.03 36.01
C VAL D 26 3.54 20.16 35.08
N THR D 27 4.77 20.14 34.59
CA THR D 27 5.20 21.18 33.65
C THR D 27 4.48 20.98 32.32
N MET D 28 4.45 22.04 31.52
CA MET D 28 4.16 21.83 30.11
C MET D 28 5.38 21.26 29.39
N LYS D 29 6.57 21.39 29.98
CA LYS D 29 7.77 20.82 29.38
C LYS D 29 7.78 19.30 29.50
N GLU D 30 7.43 18.76 30.67
CA GLU D 30 7.40 17.32 30.84
C GLU D 30 6.35 16.67 29.94
N ILE D 31 5.21 17.34 29.77
CA ILE D 31 4.16 16.81 28.90
C ILE D 31 4.66 16.73 27.47
N LEU D 32 5.37 17.77 27.01
CA LEU D 32 5.89 17.78 25.65
C LEU D 32 6.86 16.64 25.41
N LEU D 33 7.75 16.38 26.36
CA LEU D 33 8.76 15.34 26.17
C LEU D 33 8.12 13.96 26.10
N LYS D 34 7.12 13.69 26.94
CA LYS D 34 6.40 12.43 26.83
C LYS D 34 5.62 12.35 25.52
N ALA D 35 5.11 13.48 25.03
CA ALA D 35 4.37 13.50 23.78
C ALA D 35 5.26 13.12 22.60
N VAL D 36 6.46 13.69 22.53
CA VAL D 36 7.34 13.40 21.41
C VAL D 36 7.85 11.95 21.48
N LYS D 37 8.07 11.44 22.69
CA LYS D 37 8.60 10.09 22.83
C LYS D 37 7.58 9.04 22.41
N ARG D 38 6.30 9.31 22.60
CA ARG D 38 5.27 8.36 22.17
C ARG D 38 4.90 8.55 20.70
N ARG D 39 4.61 9.80 20.31
CA ARG D 39 4.24 10.05 18.92
C ARG D 39 5.38 9.71 17.97
N LYS D 40 6.61 10.08 18.32
CA LYS D 40 7.74 9.90 17.43
C LYS D 40 8.80 9.01 18.09
N GLY D 41 9.95 8.91 17.43
CA GLY D 41 10.95 7.93 17.84
C GLY D 41 11.48 8.17 19.24
N SER D 42 11.95 9.38 19.52
CA SER D 42 12.62 9.67 20.78
C SER D 42 12.73 11.17 20.95
N GLN D 43 13.57 11.58 21.91
CA GLN D 43 13.91 12.97 22.19
C GLN D 43 12.75 13.69 22.87
N GLN D 49 12.91 21.75 18.34
CA GLN D 49 12.16 21.47 17.11
C GLN D 49 10.73 20.94 17.29
N TYR D 50 10.19 20.99 18.52
CA TYR D 50 8.78 20.69 18.74
C TYR D 50 8.23 21.61 19.82
N ARG D 51 7.01 22.07 19.64
CA ARG D 51 6.34 22.98 20.57
C ARG D 51 4.89 22.58 20.75
N LEU D 52 4.34 22.94 21.91
CA LEU D 52 2.90 22.77 22.17
C LEU D 52 2.13 24.06 21.94
N GLU D 53 0.99 23.92 21.29
CA GLU D 53 -0.02 24.96 21.19
C GLU D 53 -1.36 24.37 21.60
N LYS D 54 -2.24 25.21 22.13
CA LYS D 54 -3.58 24.77 22.48
C LYS D 54 -4.44 24.69 21.23
N GLN D 55 -5.27 23.64 21.15
CA GLN D 55 -6.03 23.38 19.92
C GLN D 55 -7.00 24.50 19.62
N SER D 56 -7.60 25.09 20.65
CA SER D 56 -8.61 26.12 20.44
C SER D 56 -8.01 27.36 19.77
N GLU D 57 -6.80 27.74 20.17
CA GLU D 57 -6.14 28.94 19.63
C GLU D 57 -4.86 28.57 18.92
N PRO D 58 -4.84 28.57 17.59
CA PRO D 58 -3.59 28.28 16.86
C PRO D 58 -2.48 29.25 17.24
N ASN D 59 -1.26 28.71 17.35
CA ASN D 59 -0.04 29.49 17.57
C ASN D 59 -0.09 30.27 18.88
N VAL D 60 -0.16 29.54 19.99
CA VAL D 60 -0.07 30.17 21.31
C VAL D 60 1.34 30.00 21.87
N ALA D 61 2.02 28.92 21.50
CA ALA D 61 3.35 28.60 22.02
C ALA D 61 3.33 28.52 23.55
N VAL D 62 2.60 27.51 24.03
CA VAL D 62 2.35 27.35 25.46
C VAL D 62 3.65 27.43 26.25
N ASP D 63 3.61 28.18 27.36
CA ASP D 63 4.77 28.29 28.24
C ASP D 63 5.12 26.93 28.80
N LEU D 64 6.38 26.54 28.65
CA LEU D 64 6.80 25.22 29.10
C LEU D 64 7.01 25.19 30.61
N ASP D 65 7.36 26.33 31.21
CA ASP D 65 7.45 26.43 32.66
C ASP D 65 6.09 26.21 33.32
N SER D 66 5.02 26.71 32.69
CA SER D 66 3.71 26.72 33.31
C SER D 66 3.19 25.31 33.59
N THR D 67 2.35 25.21 34.60
CA THR D 67 1.77 23.93 35.01
C THR D 67 0.43 23.70 34.32
N LEU D 68 -0.15 22.51 34.56
CA LEU D 68 -1.45 22.19 33.98
C LEU D 68 -2.59 22.92 34.71
N GLU D 69 -2.43 23.15 36.01
CA GLU D 69 -3.40 23.97 36.73
C GLU D 69 -3.49 25.36 36.13
N SER D 70 -2.35 25.94 35.76
CA SER D 70 -2.33 27.24 35.10
C SER D 70 -3.03 27.19 33.75
N GLN D 71 -2.90 26.08 33.03
CA GLN D 71 -3.57 25.93 31.75
C GLN D 71 -5.09 25.86 31.95
N SER D 72 -5.82 26.41 30.98
CA SER D 72 -7.28 26.36 30.98
C SER D 72 -7.80 25.39 29.92
N ALA D 73 -7.03 24.36 29.60
CA ALA D 73 -7.41 23.42 28.56
C ALA D 73 -6.81 22.05 28.86
N TRP D 74 -7.45 21.03 28.29
CA TRP D 74 -6.95 19.66 28.35
C TRP D 74 -6.43 19.16 27.01
N GLU D 75 -6.56 19.96 25.95
CA GLU D 75 -6.17 19.56 24.61
C GLU D 75 -5.08 20.50 24.09
N PHE D 76 -3.99 19.92 23.59
CA PHE D 76 -2.90 20.66 23.02
C PHE D 76 -2.48 19.98 21.73
N CYS D 77 -1.81 20.74 20.86
CA CYS D 77 -1.37 20.25 19.56
C CYS D 77 0.14 20.12 19.54
N LEU D 78 0.63 18.98 19.07
CA LEU D 78 2.05 18.76 18.88
C LEU D 78 2.41 19.24 17.47
N VAL D 79 3.08 20.39 17.39
CA VAL D 79 3.41 20.99 16.11
C VAL D 79 4.91 21.29 16.08
N ARG D 80 5.47 21.27 14.87
CA ARG D 80 6.89 21.48 14.66
C ARG D 80 7.20 22.97 14.59
N GLU D 81 8.43 23.32 14.96
CA GLU D 81 8.82 24.73 15.02
C GLU D 81 8.77 25.38 13.64
N ASN D 82 7.92 26.38 13.51
CA ASN D 82 7.71 27.09 12.24
C ASN D 82 7.32 26.13 11.12
PG GNP E . -2.14 -2.14 28.20
O1G GNP E . -3.43 -2.47 27.53
O2G GNP E . -1.73 -0.78 27.77
O3G GNP E . -2.38 -2.13 29.68
N3B GNP E . -1.00 -3.22 27.80
PB GNP E . -0.58 -3.65 26.30
O1B GNP E . -1.36 -4.84 25.81
O2B GNP E . -0.47 -2.46 25.40
O3A GNP E . 0.91 -4.17 26.47
PA GNP E . 2.34 -3.59 26.05
O1A GNP E . 2.41 -3.48 24.58
O2A GNP E . 2.64 -2.37 26.84
O5' GNP E . 3.29 -4.79 26.52
C5' GNP E . 3.20 -5.27 27.88
C4' GNP E . 4.51 -5.92 28.26
O4' GNP E . 4.71 -7.09 27.44
C3' GNP E . 5.77 -5.07 28.09
O3' GNP E . 6.71 -5.34 29.12
C2' GNP E . 6.31 -5.54 26.73
O2' GNP E . 7.69 -5.33 26.61
C1' GNP E . 5.95 -7.01 26.78
N9 GNP E . 5.80 -7.60 25.45
C8 GNP E . 4.92 -7.21 24.48
N7 GNP E . 5.01 -7.93 23.39
C5 GNP E . 6.01 -8.85 23.66
C6 GNP E . 6.54 -9.88 22.86
O6 GNP E . 6.23 -10.18 21.71
N1 GNP E . 7.54 -10.59 23.53
C2 GNP E . 7.97 -10.32 24.81
N2 GNP E . 8.94 -11.12 25.28
N3 GNP E . 7.48 -9.35 25.56
C4 GNP E . 6.50 -8.66 24.94
MG MG F . -0.93 -0.66 25.89
PG GNP G . 2.27 1.27 -28.26
O1G GNP G . 1.96 2.31 -29.28
O2G GNP G . 1.39 1.48 -27.09
O3G GNP G . 3.68 1.44 -27.82
N3B GNP G . 2.01 -0.24 -28.81
PB GNP G . 2.27 -1.59 -27.97
O1B GNP G . 3.65 -2.13 -28.17
O2B GNP G . 1.75 -1.47 -26.57
O3A GNP G . 1.30 -2.63 -28.69
PA GNP G . -0.11 -3.30 -28.35
O1A GNP G . 0.05 -4.12 -27.12
O2A GNP G . -1.19 -2.28 -28.39
O5' GNP G . -0.26 -4.26 -29.61
C5' GNP G . -0.64 -3.64 -30.86
C4' GNP G . -1.41 -4.63 -31.69
O4' GNP G . -0.66 -5.88 -31.75
C3' GNP G . -2.81 -5.01 -31.19
O3' GNP G . -3.73 -5.11 -32.27
C2' GNP G . -2.59 -6.38 -30.54
O2' GNP G . -3.75 -7.17 -30.61
C1' GNP G . -1.49 -6.95 -31.42
N9 GNP G . -0.69 -7.97 -30.75
C8 GNP G . 0.08 -7.80 -29.63
N7 GNP G . 0.70 -8.90 -29.27
C5 GNP G . 0.30 -9.84 -30.20
C6 GNP G . 0.64 -11.21 -30.32
O6 GNP G . 1.39 -11.87 -29.59
N1 GNP G . 0.03 -11.80 -31.42
C2 GNP G . -0.82 -11.16 -32.29
N2 GNP G . -1.32 -11.89 -33.30
N3 GNP G . -1.14 -9.87 -32.19
C4 GNP G . -0.55 -9.28 -31.12
MG MG H . 0.84 0.00 -25.83
#